data_6O9T
#
_entry.id   6O9T
#
_cell.length_a   103.110
_cell.length_b   103.110
_cell.length_c   89.270
_cell.angle_alpha   90.000
_cell.angle_beta   90.000
_cell.angle_gamma   90.000
#
_symmetry.space_group_name_H-M   'P 4 21 2'
#
loop_
_entity.id
_entity.type
_entity.pdbx_description
1 polymer 'Inward rectifier potassium channel Kirbac3.1'
2 non-polymer 'POTASSIUM ION'
3 non-polymer 2,3,5,6-tetramethyl-1H,7H-pyrazolo[1,2-a]pyrazole-1,7-dione
#
_entity_poly.entity_id   1
_entity_poly.type   'polypeptide(L)'
_entity_poly.pdbx_seq_one_letter_code
;MTGGMKPPARKPRILNSDGSSNITRLGLEKRGWLDDHYHDLLTVSWPVFITLITGLYLVTNALFALAYLAVGDVIENARP
GSFTDAFFFSVQTMATIGYGKLIPIGPLANTLVTLEALVGMLGLAVAASLIYCRFCRPTAGVLFSSRMVISDFEGKPTLM
MRLANLRIEQIIEADVHLVLVRSEISQEGMVFRRFHDLTLTRSRSPIFSLSWTVMHPIDHHSPIYGETDETLRNSHSEFL
VLFTGHHEAFAQNVHARHAYSSDEIIWGGHFVDVFTTLPDGRRALDLGKFHEIAQHHHHHH
;
_entity_poly.pdbx_strand_id   A
#
# COMPACT_ATOMS: atom_id res chain seq x y z
N PRO A 12 -0.66 0.86 -25.36
CA PRO A 12 0.27 -0.27 -25.33
C PRO A 12 1.26 -0.20 -24.17
N ARG A 13 1.26 0.93 -23.41
CA ARG A 13 2.13 1.24 -22.28
C ARG A 13 2.33 0.03 -21.32
N ILE A 14 3.58 -0.23 -20.94
CA ILE A 14 4.00 -1.35 -20.13
C ILE A 14 3.38 -1.31 -18.69
N LEU A 15 3.81 -0.33 -17.83
CA LEU A 15 3.41 -0.08 -16.43
C LEU A 15 2.55 1.18 -16.32
N ASN A 16 1.34 1.08 -15.71
CA ASN A 16 0.43 2.23 -15.47
C ASN A 16 1.12 3.28 -14.57
N SER A 17 0.54 4.49 -14.46
CA SER A 17 1.18 5.53 -13.67
C SER A 17 1.38 5.13 -12.18
N ASP A 18 0.52 4.26 -11.61
CA ASP A 18 0.64 3.82 -10.20
C ASP A 18 1.78 2.85 -9.96
N GLY A 19 2.42 2.40 -11.03
CA GLY A 19 3.49 1.43 -10.94
C GLY A 19 3.01 0.03 -11.31
N SER A 20 1.70 -0.27 -11.06
CA SER A 20 1.05 -1.55 -11.40
C SER A 20 1.01 -1.69 -12.93
N SER A 21 1.10 -2.90 -13.46
CA SER A 21 1.19 -3.06 -14.92
C SER A 21 -0.10 -3.42 -15.61
N ASN A 22 -0.15 -3.11 -16.91
CA ASN A 22 -1.28 -3.40 -17.80
C ASN A 22 -1.25 -4.87 -18.28
N ILE A 23 -0.44 -5.72 -17.60
CA ILE A 23 -0.28 -7.14 -17.93
C ILE A 23 -1.47 -7.94 -17.37
N THR A 24 -2.26 -8.62 -18.27
CA THR A 24 -3.44 -9.39 -17.86
C THR A 24 -3.11 -10.80 -17.44
N ARG A 25 -3.71 -11.13 -16.30
CA ARG A 25 -3.68 -12.33 -15.48
C ARG A 25 -4.43 -13.50 -16.12
N LEU A 26 -3.66 -14.48 -16.64
CA LEU A 26 -4.16 -15.72 -17.28
C LEU A 26 -3.51 -16.96 -16.64
N ASP A 35 -8.48 -18.13 -1.65
CA ASP A 35 -8.98 -17.11 -2.58
C ASP A 35 -8.38 -15.72 -2.33
N ASP A 36 -7.10 -15.70 -1.87
CA ASP A 36 -6.25 -14.54 -1.55
C ASP A 36 -6.85 -13.63 -0.44
N HIS A 37 -7.51 -14.28 0.53
CA HIS A 37 -8.15 -13.75 1.73
C HIS A 37 -7.20 -12.88 2.52
N TYR A 38 -5.93 -13.34 2.71
CA TYR A 38 -4.83 -12.65 3.39
C TYR A 38 -4.79 -11.18 2.89
N HIS A 39 -4.47 -11.04 1.60
CA HIS A 39 -4.36 -9.79 0.88
C HIS A 39 -5.62 -8.97 1.10
N ASP A 40 -6.80 -9.60 0.88
CA ASP A 40 -8.12 -8.95 0.99
C ASP A 40 -8.39 -8.33 2.34
N LEU A 41 -8.18 -9.11 3.40
CA LEU A 41 -8.39 -8.69 4.78
C LEU A 41 -7.54 -7.49 5.17
N LEU A 42 -6.34 -7.38 4.58
CA LEU A 42 -5.42 -6.29 4.88
C LEU A 42 -5.71 -5.04 4.06
N THR A 43 -6.23 -5.21 2.82
CA THR A 43 -6.48 -4.13 1.86
C THR A 43 -7.83 -3.44 1.97
N VAL A 44 -8.88 -4.15 2.42
CA VAL A 44 -10.21 -3.53 2.56
C VAL A 44 -10.13 -2.31 3.47
N SER A 45 -11.02 -1.35 3.26
CA SER A 45 -11.09 -0.17 4.11
C SER A 45 -11.47 -0.61 5.52
N TRP A 46 -11.14 0.21 6.53
CA TRP A 46 -11.47 -0.08 7.92
C TRP A 46 -12.96 -0.35 8.14
N PRO A 47 -13.91 0.42 7.55
CA PRO A 47 -15.33 0.08 7.72
C PRO A 47 -15.67 -1.33 7.23
N VAL A 48 -15.13 -1.72 6.07
CA VAL A 48 -15.36 -3.05 5.50
C VAL A 48 -14.81 -4.12 6.43
N PHE A 49 -13.57 -3.93 6.93
CA PHE A 49 -12.92 -4.85 7.86
C PHE A 49 -13.77 -5.08 9.14
N ILE A 50 -14.26 -4.00 9.75
CA ILE A 50 -15.07 -4.07 10.95
C ILE A 50 -16.33 -4.85 10.67
N THR A 51 -16.96 -4.61 9.51
CA THR A 51 -18.15 -5.31 9.06
C THR A 51 -17.85 -6.80 8.89
N LEU A 52 -16.70 -7.12 8.29
CA LEU A 52 -16.29 -8.52 8.06
C LEU A 52 -16.05 -9.24 9.37
N ILE A 53 -15.36 -8.58 10.32
CA ILE A 53 -15.04 -9.14 11.63
C ILE A 53 -16.37 -9.43 12.33
N THR A 54 -17.27 -8.43 12.32
CA THR A 54 -18.61 -8.54 12.92
C THR A 54 -19.40 -9.66 12.26
N GLY A 55 -19.34 -9.74 10.93
CA GLY A 55 -20.02 -10.75 10.14
C GLY A 55 -19.71 -12.14 10.63
N LEU A 56 -18.40 -12.46 10.75
CA LEU A 56 -18.04 -13.79 11.26
C LEU A 56 -18.51 -13.95 12.69
N TYR A 57 -18.27 -12.93 13.54
CA TYR A 57 -18.66 -12.94 14.94
C TYR A 57 -20.11 -13.33 15.12
N LEU A 58 -21.00 -12.76 14.32
CA LEU A 58 -22.44 -13.05 14.37
C LEU A 58 -22.74 -14.46 13.85
N VAL A 59 -22.09 -14.85 12.74
CA VAL A 59 -22.25 -16.16 12.11
C VAL A 59 -21.77 -17.29 13.00
N THR A 60 -20.59 -17.18 13.61
CA THR A 60 -20.05 -18.22 14.48
C THR A 60 -20.87 -18.38 15.75
N ASN A 61 -21.44 -17.28 16.26
CA ASN A 61 -22.29 -17.32 17.43
C ASN A 61 -23.59 -18.03 17.07
N ALA A 62 -24.09 -17.79 15.83
CA ALA A 62 -25.31 -18.43 15.29
C ALA A 62 -25.11 -19.94 15.11
N LEU A 63 -23.93 -20.36 14.62
CA LEU A 63 -23.59 -21.77 14.45
C LEU A 63 -23.51 -22.47 15.79
N PHE A 64 -22.94 -21.79 16.81
CA PHE A 64 -22.88 -22.33 18.17
C PHE A 64 -24.27 -22.40 18.78
N ALA A 65 -25.11 -21.36 18.59
CA ALA A 65 -26.50 -21.33 19.06
C ALA A 65 -27.27 -22.54 18.50
N LEU A 66 -27.08 -22.85 17.21
CA LEU A 66 -27.71 -23.98 16.54
C LEU A 66 -27.20 -25.28 17.13
N ALA A 67 -25.90 -25.34 17.48
CA ALA A 67 -25.28 -26.52 18.08
C ALA A 67 -25.88 -26.86 19.44
N TYR A 68 -26.23 -25.81 20.23
CA TYR A 68 -26.83 -25.98 21.56
C TYR A 68 -28.24 -26.52 21.45
N LEU A 69 -29.09 -25.89 20.58
CA LEU A 69 -30.46 -26.32 20.38
C LEU A 69 -30.56 -27.70 19.71
N ALA A 70 -29.52 -28.12 18.92
CA ALA A 70 -29.46 -29.46 18.32
C ALA A 70 -29.26 -30.52 19.43
N VAL A 71 -28.74 -30.10 20.61
CA VAL A 71 -28.56 -30.94 21.78
C VAL A 71 -29.85 -30.98 22.60
N GLY A 72 -30.75 -30.02 22.33
CA GLY A 72 -32.03 -29.85 23.00
C GLY A 72 -32.06 -28.58 23.82
N ASP A 73 -32.90 -28.55 24.88
CA ASP A 73 -32.97 -27.40 25.79
C ASP A 73 -31.91 -27.64 26.89
N VAL A 74 -30.63 -27.42 26.53
CA VAL A 74 -29.50 -27.63 27.42
C VAL A 74 -29.01 -26.32 28.05
N ILE A 75 -29.90 -25.33 28.14
CA ILE A 75 -29.59 -23.99 28.68
C ILE A 75 -30.62 -23.56 29.70
N GLU A 76 -30.14 -23.15 30.89
CA GLU A 76 -31.03 -22.63 31.94
C GLU A 76 -31.54 -21.26 31.48
N ASN A 77 -32.78 -20.88 31.90
CA ASN A 77 -33.50 -19.63 31.55
C ASN A 77 -34.04 -19.65 30.09
N ALA A 78 -33.60 -20.65 29.28
CA ALA A 78 -33.98 -20.80 27.88
C ALA A 78 -35.25 -21.58 27.66
N ARG A 79 -36.01 -21.16 26.66
CA ARG A 79 -37.21 -21.85 26.21
C ARG A 79 -36.75 -22.84 25.13
N PRO A 80 -37.24 -24.12 25.07
CA PRO A 80 -36.78 -25.04 24.00
C PRO A 80 -37.25 -24.55 22.64
N GLY A 81 -36.30 -24.40 21.72
CA GLY A 81 -36.55 -23.90 20.38
C GLY A 81 -36.28 -22.42 20.19
N SER A 82 -35.96 -21.70 21.30
CA SER A 82 -35.65 -20.27 21.27
C SER A 82 -34.20 -20.02 20.89
N PHE A 83 -34.01 -19.47 19.69
CA PHE A 83 -32.70 -19.11 19.15
C PHE A 83 -32.19 -17.87 19.86
N THR A 84 -33.12 -16.97 20.26
CA THR A 84 -32.79 -15.74 20.99
C THR A 84 -31.96 -16.07 22.21
N ASP A 85 -32.49 -16.95 23.06
CA ASP A 85 -31.88 -17.42 24.30
C ASP A 85 -30.54 -18.11 24.02
N ALA A 86 -30.51 -18.99 22.98
CA ALA A 86 -29.34 -19.76 22.58
C ALA A 86 -28.21 -18.89 22.06
N PHE A 87 -28.55 -17.87 21.26
CA PHE A 87 -27.62 -16.94 20.66
C PHE A 87 -26.96 -16.08 21.72
N PHE A 88 -27.77 -15.47 22.62
CA PHE A 88 -27.24 -14.63 23.67
C PHE A 88 -26.52 -15.43 24.73
N PHE A 89 -26.83 -16.72 24.87
CA PHE A 89 -26.10 -17.61 25.76
C PHE A 89 -24.72 -17.89 25.09
N SER A 90 -24.71 -18.13 23.75
CA SER A 90 -23.52 -18.37 22.94
C SER A 90 -22.57 -17.18 23.06
N VAL A 91 -23.09 -15.94 22.93
CA VAL A 91 -22.34 -14.69 23.08
C VAL A 91 -21.70 -14.63 24.47
N GLN A 92 -22.49 -14.88 25.53
CA GLN A 92 -22.05 -14.89 26.94
C GLN A 92 -20.94 -15.89 27.17
N THR A 93 -20.94 -16.98 26.39
CA THR A 93 -19.97 -18.05 26.47
C THR A 93 -18.69 -17.70 25.70
N MET A 94 -18.84 -17.39 24.40
CA MET A 94 -17.74 -17.05 23.50
C MET A 94 -16.98 -15.85 24.03
N ALA A 95 -17.72 -14.82 24.50
CA ALA A 95 -17.16 -13.58 25.06
C ALA A 95 -16.69 -13.73 26.52
N THR A 96 -16.89 -14.91 27.12
CA THR A 96 -16.48 -15.24 28.48
C THR A 96 -17.17 -14.36 29.55
N ILE A 97 -18.35 -13.76 29.24
CA ILE A 97 -19.11 -12.91 30.18
C ILE A 97 -19.47 -13.75 31.40
N GLY A 98 -20.23 -14.82 31.14
CA GLY A 98 -20.70 -15.78 32.13
C GLY A 98 -21.55 -15.20 33.23
N TYR A 99 -22.54 -14.37 32.87
CA TYR A 99 -23.43 -13.74 33.84
C TYR A 99 -23.85 -14.71 34.90
N GLY A 100 -24.37 -15.85 34.48
CA GLY A 100 -24.82 -16.90 35.40
C GLY A 100 -26.32 -17.12 35.43
N LYS A 101 -27.07 -16.43 34.53
CA LYS A 101 -28.52 -16.58 34.38
C LYS A 101 -28.74 -17.73 33.40
N LEU A 102 -28.11 -17.64 32.23
CA LEU A 102 -28.16 -18.70 31.23
C LEU A 102 -26.88 -19.50 31.42
N ILE A 103 -27.04 -20.77 31.82
CA ILE A 103 -25.93 -21.66 32.13
C ILE A 103 -26.14 -23.05 31.44
N PRO A 104 -25.04 -23.71 30.96
CA PRO A 104 -25.19 -25.00 30.24
C PRO A 104 -25.60 -26.17 31.10
N ILE A 105 -26.34 -27.09 30.50
CA ILE A 105 -26.85 -28.27 31.16
C ILE A 105 -26.38 -29.54 30.46
N GLY A 106 -25.65 -30.38 31.19
CA GLY A 106 -25.19 -31.67 30.69
C GLY A 106 -23.76 -31.68 30.17
N PRO A 107 -23.19 -32.89 29.98
CA PRO A 107 -21.80 -33.00 29.50
C PRO A 107 -21.60 -32.49 28.08
N LEU A 108 -22.60 -32.69 27.20
CA LEU A 108 -22.58 -32.26 25.81
C LEU A 108 -22.50 -30.73 25.72
N ALA A 109 -23.41 -30.03 26.43
CA ALA A 109 -23.48 -28.55 26.48
C ALA A 109 -22.18 -27.98 27.05
N ASN A 110 -21.68 -28.60 28.13
CA ASN A 110 -20.45 -28.18 28.79
C ASN A 110 -19.23 -28.40 27.92
N THR A 111 -19.25 -29.43 27.04
CA THR A 111 -18.18 -29.72 26.09
C THR A 111 -18.22 -28.64 25.02
N LEU A 112 -19.44 -28.30 24.51
CA LEU A 112 -19.62 -27.22 23.53
C LEU A 112 -19.12 -25.88 24.08
N VAL A 113 -19.34 -25.63 25.38
CA VAL A 113 -18.86 -24.43 26.09
C VAL A 113 -17.32 -24.39 26.09
N THR A 114 -16.66 -25.54 26.41
CA THR A 114 -15.19 -25.72 26.45
C THR A 114 -14.55 -25.44 25.08
N LEU A 115 -15.20 -25.90 24.00
CA LEU A 115 -14.77 -25.67 22.63
C LEU A 115 -15.03 -24.21 22.26
N GLU A 116 -16.22 -23.67 22.60
CA GLU A 116 -16.59 -22.28 22.32
C GLU A 116 -15.65 -21.26 22.97
N ALA A 117 -15.27 -21.50 24.25
CA ALA A 117 -14.35 -20.63 25.01
C ALA A 117 -12.97 -20.61 24.36
N LEU A 118 -12.49 -21.79 23.89
CA LEU A 118 -11.24 -21.93 23.17
C LEU A 118 -11.35 -21.10 21.91
N VAL A 119 -12.42 -21.31 21.12
CA VAL A 119 -12.69 -20.56 19.89
C VAL A 119 -12.65 -19.06 20.15
N GLY A 120 -13.38 -18.59 21.17
CA GLY A 120 -13.50 -17.20 21.55
C GLY A 120 -12.19 -16.47 21.81
N MET A 121 -11.39 -17.01 22.71
CA MET A 121 -10.12 -16.37 23.04
C MET A 121 -9.07 -16.62 21.92
N LEU A 122 -9.19 -17.71 21.14
CA LEU A 122 -8.28 -18.02 20.04
C LEU A 122 -8.53 -17.08 18.84
N GLY A 123 -9.79 -16.87 18.54
CA GLY A 123 -10.20 -15.96 17.48
C GLY A 123 -9.74 -14.55 17.80
N LEU A 124 -9.85 -14.17 19.09
CA LEU A 124 -9.41 -12.86 19.58
C LEU A 124 -7.98 -12.62 19.13
N ALA A 125 -7.13 -13.64 19.31
CA ALA A 125 -5.73 -13.64 18.94
C ALA A 125 -5.58 -13.42 17.43
N VAL A 126 -6.46 -14.06 16.64
CA VAL A 126 -6.48 -13.97 15.19
C VAL A 126 -6.84 -12.54 14.74
N ALA A 127 -7.88 -11.98 15.36
CA ALA A 127 -8.36 -10.64 15.07
C ALA A 127 -7.28 -9.59 15.37
N ALA A 128 -6.62 -9.75 16.54
CA ALA A 128 -5.57 -8.87 17.03
C ALA A 128 -4.35 -8.81 16.13
N SER A 129 -3.98 -9.97 15.57
CA SER A 129 -2.87 -10.05 14.64
C SER A 129 -3.23 -9.33 13.32
N LEU A 130 -4.52 -9.38 12.93
CA LEU A 130 -5.07 -8.70 11.75
C LEU A 130 -5.03 -7.19 11.98
N ILE A 131 -5.57 -6.74 13.11
CA ILE A 131 -5.60 -5.35 13.50
C ILE A 131 -4.21 -4.76 13.56
N TYR A 132 -3.24 -5.43 14.23
CA TYR A 132 -1.87 -4.95 14.29
C TYR A 132 -1.26 -4.79 12.89
N CYS A 133 -1.50 -5.80 12.06
CA CYS A 133 -0.98 -5.83 10.69
C CYS A 133 -1.62 -4.77 9.82
N ARG A 134 -2.86 -4.41 10.11
CA ARG A 134 -3.53 -3.35 9.37
C ARG A 134 -3.07 -1.97 9.85
N PHE A 135 -2.52 -1.90 11.07
CA PHE A 135 -2.00 -0.68 11.67
C PHE A 135 -0.63 -0.38 11.11
N CYS A 136 0.20 -1.44 10.92
CA CYS A 136 1.56 -1.31 10.35
C CYS A 136 1.56 -1.53 8.81
N ARG A 137 0.73 -0.72 8.14
CA ARG A 137 0.56 -0.64 6.71
C ARG A 137 1.53 0.48 6.33
N PRO A 138 2.63 0.20 5.58
CA PRO A 138 3.56 1.27 5.21
C PRO A 138 2.91 2.28 4.25
N THR A 139 2.30 3.30 4.85
CA THR A 139 1.60 4.39 4.16
C THR A 139 2.64 5.40 3.76
N ALA A 140 3.36 5.10 2.66
CA ALA A 140 4.41 5.97 2.12
C ALA A 140 3.71 7.21 1.59
N GLY A 141 3.63 8.22 2.45
CA GLY A 141 2.97 9.47 2.12
C GLY A 141 3.82 10.31 1.20
N VAL A 142 4.10 9.78 -0.01
CA VAL A 142 4.92 10.46 -1.00
C VAL A 142 4.05 10.83 -2.15
N LEU A 143 4.24 12.05 -2.64
CA LEU A 143 3.52 12.54 -3.81
C LEU A 143 4.50 12.70 -4.98
N PHE A 144 4.16 12.10 -6.16
CA PHE A 144 4.97 12.20 -7.38
C PHE A 144 4.41 13.23 -8.31
N SER A 145 5.32 13.89 -9.07
CA SER A 145 4.93 14.87 -10.06
C SER A 145 4.07 14.18 -11.13
N SER A 146 3.02 14.88 -11.62
CA SER A 146 2.08 14.36 -12.63
C SER A 146 2.83 13.85 -13.87
N ARG A 147 3.80 14.65 -14.36
CA ARG A 147 4.65 14.38 -15.51
C ARG A 147 6.18 14.50 -15.21
N MET A 148 6.99 14.22 -16.23
CA MET A 148 8.44 14.36 -16.21
C MET A 148 8.79 15.48 -17.19
N VAL A 149 10.04 15.94 -17.13
CA VAL A 149 10.58 16.96 -18.04
C VAL A 149 11.98 16.51 -18.51
N ILE A 150 12.44 17.02 -19.65
CA ILE A 150 13.80 16.82 -20.12
C ILE A 150 14.25 18.23 -20.48
N SER A 151 15.06 18.90 -19.62
CA SER A 151 15.48 20.30 -19.84
C SER A 151 16.95 20.54 -19.66
N ASP A 152 17.46 21.65 -20.21
CA ASP A 152 18.85 22.03 -20.06
C ASP A 152 19.15 22.43 -18.61
N PHE A 153 19.98 21.61 -17.97
CA PHE A 153 20.48 21.75 -16.60
C PHE A 153 21.96 21.85 -16.76
N GLU A 154 22.54 22.94 -16.26
CA GLU A 154 23.96 23.27 -16.41
C GLU A 154 24.29 23.45 -17.93
N GLY A 155 23.25 23.55 -18.77
CA GLY A 155 23.34 23.65 -20.23
C GLY A 155 23.28 22.30 -20.94
N LYS A 156 23.39 21.20 -20.13
CA LYS A 156 23.33 19.80 -20.54
C LYS A 156 21.89 19.33 -20.45
N PRO A 157 21.35 18.65 -21.48
CA PRO A 157 19.96 18.18 -21.38
C PRO A 157 19.87 17.13 -20.27
N THR A 158 18.82 17.24 -19.42
CA THR A 158 18.63 16.38 -18.24
C THR A 158 17.17 15.93 -18.06
N LEU A 159 16.95 14.65 -17.73
CA LEU A 159 15.63 14.07 -17.47
C LEU A 159 15.28 14.19 -15.97
N MET A 160 14.10 14.81 -15.67
CA MET A 160 13.66 15.09 -14.30
C MET A 160 12.17 14.87 -14.00
N MET A 161 11.90 14.59 -12.74
CA MET A 161 10.60 14.47 -12.09
C MET A 161 10.87 14.78 -10.63
N ARG A 162 9.82 14.84 -9.78
CA ARG A 162 10.02 15.15 -8.36
C ARG A 162 9.03 14.48 -7.39
N LEU A 163 9.47 14.39 -6.13
CA LEU A 163 8.79 13.75 -5.02
C LEU A 163 8.53 14.75 -3.95
N ALA A 164 7.46 14.55 -3.15
CA ALA A 164 7.09 15.42 -2.01
C ALA A 164 6.67 14.58 -0.82
N ASN A 165 7.20 14.88 0.40
CA ASN A 165 6.82 14.17 1.65
C ASN A 165 5.58 14.89 2.19
N LEU A 166 4.42 14.24 2.08
CA LEU A 166 3.17 14.83 2.54
C LEU A 166 2.96 14.65 4.02
N ARG A 167 3.67 13.66 4.62
CA ARG A 167 3.60 13.36 6.05
C ARG A 167 4.41 14.39 6.84
N ILE A 168 3.96 14.70 8.06
CA ILE A 168 4.67 15.63 8.96
C ILE A 168 6.11 15.10 9.17
N GLU A 169 6.25 13.75 9.27
CA GLU A 169 7.47 12.98 9.47
C GLU A 169 8.54 13.14 8.35
N GLN A 170 9.70 12.49 8.54
CA GLN A 170 10.88 12.49 7.65
C GLN A 170 11.24 11.04 7.23
N ILE A 171 12.09 10.89 6.21
CA ILE A 171 12.49 9.57 5.74
C ILE A 171 14.02 9.47 5.69
N ILE A 172 14.56 8.41 6.33
CA ILE A 172 15.99 8.09 6.44
C ILE A 172 16.43 7.18 5.28
N GLU A 173 17.63 7.46 4.71
CA GLU A 173 18.32 6.71 3.64
C GLU A 173 17.45 6.47 2.41
N ALA A 174 16.64 7.48 2.05
CA ALA A 174 15.72 7.43 0.92
C ALA A 174 16.45 7.26 -0.43
N ASP A 175 16.39 6.04 -1.01
CA ASP A 175 17.04 5.70 -2.29
C ASP A 175 16.02 5.51 -3.39
N VAL A 176 16.06 6.41 -4.37
CA VAL A 176 15.18 6.39 -5.52
C VAL A 176 15.95 6.01 -6.76
N HIS A 177 15.33 5.27 -7.65
CA HIS A 177 15.99 4.86 -8.88
C HIS A 177 15.14 5.21 -10.06
N LEU A 178 15.76 5.82 -11.08
CA LEU A 178 15.06 6.12 -12.33
C LEU A 178 15.37 4.99 -13.27
N VAL A 179 14.37 4.13 -13.53
CA VAL A 179 14.54 2.94 -14.32
C VAL A 179 13.84 3.00 -15.65
N LEU A 180 14.64 2.99 -16.71
CA LEU A 180 14.14 2.94 -18.07
C LEU A 180 13.86 1.45 -18.40
N VAL A 181 12.60 1.11 -18.72
CA VAL A 181 12.23 -0.25 -19.13
C VAL A 181 11.90 -0.12 -20.57
N ARG A 182 12.81 -0.57 -21.41
CA ARG A 182 12.56 -0.48 -22.84
C ARG A 182 12.80 -1.80 -23.53
N SER A 183 12.10 -2.00 -24.64
CA SER A 183 12.21 -3.21 -25.43
C SER A 183 13.43 -3.13 -26.34
N GLU A 184 14.18 -4.23 -26.38
CA GLU A 184 15.42 -4.36 -27.13
C GLU A 184 15.45 -5.76 -27.80
N ILE A 185 16.29 -5.94 -28.84
CA ILE A 185 16.39 -7.21 -29.56
C ILE A 185 17.83 -7.71 -29.61
N SER A 186 18.04 -9.03 -29.50
CA SER A 186 19.39 -9.61 -29.52
C SER A 186 19.72 -10.20 -30.89
N GLN A 187 21.02 -10.54 -31.12
CA GLN A 187 21.49 -11.19 -32.36
C GLN A 187 20.90 -12.58 -32.49
N GLU A 188 20.36 -13.13 -31.38
CA GLU A 188 19.66 -14.41 -31.28
C GLU A 188 18.21 -14.28 -31.78
N GLY A 189 17.73 -13.02 -31.80
CA GLY A 189 16.38 -12.64 -32.24
C GLY A 189 15.37 -12.44 -31.13
N MET A 190 15.76 -12.72 -29.88
CA MET A 190 14.86 -12.59 -28.74
C MET A 190 14.57 -11.14 -28.45
N VAL A 191 13.28 -10.84 -28.25
CA VAL A 191 12.81 -9.51 -27.88
C VAL A 191 12.49 -9.56 -26.39
N PHE A 192 12.97 -8.57 -25.65
CA PHE A 192 12.82 -8.50 -24.22
C PHE A 192 12.84 -7.05 -23.76
N ARG A 193 12.40 -6.80 -22.53
CA ARG A 193 12.43 -5.49 -21.92
C ARG A 193 13.55 -5.51 -20.86
N ARG A 194 14.50 -4.58 -20.93
CA ARG A 194 15.58 -4.49 -19.96
C ARG A 194 15.42 -3.23 -19.14
N PHE A 195 15.80 -3.31 -17.85
CA PHE A 195 15.69 -2.27 -16.79
C PHE A 195 16.98 -1.42 -16.62
N HIS A 196 17.19 -0.40 -17.49
CA HIS A 196 18.35 0.48 -17.40
C HIS A 196 18.22 1.43 -16.25
N ASP A 197 19.02 1.18 -15.20
CA ASP A 197 19.08 2.03 -14.02
C ASP A 197 19.87 3.27 -14.46
N LEU A 198 19.27 4.47 -14.32
CA LEU A 198 19.88 5.72 -14.75
C LEU A 198 20.70 6.39 -13.65
N THR A 199 21.86 6.96 -14.04
CA THR A 199 22.81 7.70 -13.19
C THR A 199 22.10 8.96 -12.73
N LEU A 200 21.94 9.14 -11.43
CA LEU A 200 21.24 10.30 -10.95
C LEU A 200 22.15 11.31 -10.36
N THR A 201 21.71 12.57 -10.29
CA THR A 201 22.47 13.65 -9.65
C THR A 201 22.50 13.33 -8.14
N ARG A 202 21.35 12.88 -7.60
CA ARG A 202 21.19 12.39 -6.24
C ARG A 202 20.37 11.09 -6.32
N SER A 203 20.97 9.94 -5.93
CA SER A 203 20.34 8.60 -5.95
C SER A 203 19.83 8.24 -4.58
N ARG A 204 20.39 8.89 -3.57
CA ARG A 204 19.91 8.73 -2.22
C ARG A 204 19.97 10.07 -1.49
N SER A 205 18.82 10.49 -0.96
CA SER A 205 18.69 11.69 -0.19
C SER A 205 18.60 11.12 1.23
N PRO A 206 19.76 10.98 1.95
CA PRO A 206 19.72 10.41 3.31
C PRO A 206 18.58 10.96 4.17
N ILE A 207 18.19 12.23 3.97
CA ILE A 207 17.00 12.75 4.61
C ILE A 207 16.04 13.31 3.57
N PHE A 208 14.97 12.54 3.35
CA PHE A 208 13.90 12.97 2.47
C PHE A 208 12.84 13.57 3.41
N SER A 209 12.75 14.91 3.43
CA SER A 209 11.84 15.64 4.30
C SER A 209 11.03 16.65 3.51
N LEU A 210 11.61 17.20 2.45
CA LEU A 210 10.91 18.17 1.64
C LEU A 210 10.43 17.56 0.29
N SER A 211 10.80 18.21 -0.84
CA SER A 211 10.53 17.84 -2.24
C SER A 211 11.87 17.60 -2.91
N TRP A 212 12.03 16.39 -3.38
CA TRP A 212 13.26 15.96 -4.00
C TRP A 212 13.05 15.85 -5.49
N THR A 213 13.81 16.65 -6.25
CA THR A 213 13.76 16.61 -7.71
C THR A 213 14.84 15.68 -8.17
N VAL A 214 14.43 14.57 -8.79
CA VAL A 214 15.36 13.54 -9.25
C VAL A 214 15.76 13.82 -10.67
N MET A 215 17.09 13.81 -10.93
CA MET A 215 17.64 14.15 -12.23
C MET A 215 18.61 13.14 -12.78
N HIS A 216 18.45 12.84 -14.07
CA HIS A 216 19.34 12.00 -14.83
C HIS A 216 20.03 12.85 -15.93
N PRO A 217 21.28 13.36 -15.72
CA PRO A 217 21.94 14.11 -16.80
C PRO A 217 22.18 13.20 -18.01
N ILE A 218 21.78 13.67 -19.19
CA ILE A 218 21.92 12.91 -20.43
C ILE A 218 23.29 13.23 -21.07
N ASP A 219 24.31 12.47 -20.63
CA ASP A 219 25.71 12.52 -21.05
C ASP A 219 25.95 11.49 -22.17
N HIS A 220 27.18 11.38 -22.72
CA HIS A 220 27.48 10.45 -23.82
C HIS A 220 27.50 8.97 -23.42
N HIS A 221 27.57 8.70 -22.11
CA HIS A 221 27.53 7.35 -21.58
C HIS A 221 26.09 6.92 -21.26
N SER A 222 25.19 7.87 -20.91
CA SER A 222 23.77 7.67 -20.59
C SER A 222 23.06 6.72 -21.57
N PRO A 223 22.21 5.79 -21.08
CA PRO A 223 21.49 4.89 -22.00
C PRO A 223 20.48 5.63 -22.84
N ILE A 224 20.14 6.84 -22.47
CA ILE A 224 19.15 7.56 -23.23
C ILE A 224 19.76 8.68 -24.05
N TYR A 225 21.09 8.75 -24.10
CA TYR A 225 21.77 9.77 -24.89
C TYR A 225 21.30 9.81 -26.31
N GLY A 226 20.93 10.99 -26.75
CA GLY A 226 20.51 11.27 -28.12
C GLY A 226 19.12 10.82 -28.55
N GLU A 227 18.31 10.27 -27.63
CA GLU A 227 16.96 9.84 -27.96
C GLU A 227 16.04 11.04 -28.16
N THR A 228 14.95 10.89 -28.92
CA THR A 228 13.96 11.94 -29.17
C THR A 228 12.59 11.41 -28.76
N ASP A 229 11.57 12.29 -28.74
CA ASP A 229 10.19 11.91 -28.41
C ASP A 229 9.80 10.70 -29.28
N GLU A 230 10.09 10.83 -30.59
CA GLU A 230 9.86 9.84 -31.62
C GLU A 230 10.57 8.51 -31.31
N THR A 231 11.90 8.55 -31.08
CA THR A 231 12.67 7.32 -30.84
C THR A 231 12.35 6.68 -29.48
N LEU A 232 11.89 7.48 -28.48
CA LEU A 232 11.51 6.93 -27.18
C LEU A 232 10.26 6.05 -27.34
N ARG A 233 9.27 6.54 -28.12
CA ARG A 233 8.02 5.83 -28.46
C ARG A 233 8.32 4.51 -29.21
N ASN A 234 9.21 4.59 -30.22
CA ASN A 234 9.65 3.48 -31.09
C ASN A 234 10.47 2.42 -30.35
N SER A 235 11.10 2.79 -29.22
CA SER A 235 11.90 1.91 -28.35
C SER A 235 11.04 1.44 -27.17
N HIS A 236 9.75 1.90 -27.15
CA HIS A 236 8.72 1.62 -26.15
C HIS A 236 9.20 2.01 -24.77
N SER A 237 9.94 3.14 -24.68
CA SER A 237 10.56 3.66 -23.47
C SER A 237 9.55 4.00 -22.38
N GLU A 238 9.74 3.37 -21.23
CA GLU A 238 8.90 3.51 -20.06
C GLU A 238 9.80 3.82 -18.88
N PHE A 239 9.45 4.87 -18.11
CA PHE A 239 10.24 5.31 -16.96
C PHE A 239 9.61 4.95 -15.68
N LEU A 240 10.33 4.17 -14.92
CA LEU A 240 9.88 3.72 -13.64
C LEU A 240 10.60 4.54 -12.60
N VAL A 241 9.87 4.90 -11.53
CA VAL A 241 10.38 5.60 -10.34
C VAL A 241 10.07 4.69 -9.14
N LEU A 242 11.13 4.16 -8.55
CA LEU A 242 11.05 3.29 -7.39
C LEU A 242 11.57 4.13 -6.22
N PHE A 243 10.74 4.29 -5.16
CA PHE A 243 11.09 5.04 -3.95
C PHE A 243 11.06 4.10 -2.75
N THR A 244 12.09 4.21 -1.90
CA THR A 244 12.24 3.42 -0.68
C THR A 244 12.85 4.32 0.38
N GLY A 245 12.47 4.10 1.64
CA GLY A 245 12.96 4.87 2.77
C GLY A 245 12.43 4.42 4.11
N HIS A 246 13.17 4.73 5.18
CA HIS A 246 12.84 4.31 6.54
C HIS A 246 12.17 5.45 7.28
N HIS A 247 10.86 5.30 7.53
CA HIS A 247 10.01 6.32 8.16
C HIS A 247 10.46 6.71 9.57
N GLU A 248 10.15 7.96 9.96
CA GLU A 248 10.49 8.61 11.23
C GLU A 248 9.68 8.07 12.43
N ALA A 249 8.36 8.36 12.49
CA ALA A 249 7.49 7.90 13.59
C ALA A 249 7.31 6.38 13.57
N PHE A 250 7.33 5.78 12.36
CA PHE A 250 7.16 4.35 12.06
C PHE A 250 8.34 3.52 12.59
N ALA A 251 9.55 3.83 12.04
CA ALA A 251 10.88 3.23 12.18
C ALA A 251 11.16 2.49 10.87
N GLN A 252 10.33 1.47 10.59
CA GLN A 252 10.38 0.57 9.43
C GLN A 252 10.24 1.28 8.05
N ASN A 253 10.54 0.53 6.96
CA ASN A 253 10.53 0.99 5.57
C ASN A 253 9.15 1.32 5.05
N VAL A 254 9.11 2.23 4.08
CA VAL A 254 7.92 2.61 3.33
C VAL A 254 8.34 2.57 1.88
N HIS A 255 7.42 2.23 0.98
CA HIS A 255 7.78 2.15 -0.43
C HIS A 255 6.70 2.75 -1.29
N ALA A 256 7.10 3.46 -2.33
CA ALA A 256 6.17 4.08 -3.28
C ALA A 256 6.74 3.96 -4.68
N ARG A 257 5.84 3.84 -5.66
CA ARG A 257 6.20 3.69 -7.07
C ARG A 257 5.28 4.50 -7.97
N HIS A 258 5.81 4.89 -9.15
CA HIS A 258 5.11 5.64 -10.19
C HIS A 258 5.81 5.31 -11.48
N ALA A 259 5.09 5.30 -12.59
CA ALA A 259 5.67 5.04 -13.90
C ALA A 259 5.15 6.02 -14.97
N TYR A 260 5.98 6.38 -15.93
CA TYR A 260 5.56 7.32 -16.95
C TYR A 260 5.91 6.74 -18.27
N SER A 261 5.13 7.08 -19.29
CA SER A 261 5.43 6.71 -20.66
C SER A 261 6.10 7.93 -21.35
N SER A 262 6.66 7.72 -22.58
CA SER A 262 7.29 8.73 -23.42
C SER A 262 6.32 9.88 -23.67
N ASP A 263 5.01 9.57 -23.71
CA ASP A 263 3.94 10.54 -23.92
C ASP A 263 3.78 11.49 -22.71
N GLU A 264 4.25 11.08 -21.51
CA GLU A 264 4.14 11.87 -20.28
C GLU A 264 5.40 12.69 -19.99
N ILE A 265 6.30 12.80 -21.00
CA ILE A 265 7.55 13.57 -20.89
C ILE A 265 7.43 14.94 -21.62
N ILE A 266 7.89 16.01 -20.94
CA ILE A 266 7.83 17.38 -21.45
C ILE A 266 9.22 17.87 -21.85
N TRP A 267 9.46 17.98 -23.18
CA TRP A 267 10.73 18.42 -23.80
C TRP A 267 10.95 19.91 -23.67
N GLY A 268 11.97 20.25 -22.90
CA GLY A 268 12.34 21.62 -22.57
C GLY A 268 11.66 22.13 -21.30
N GLY A 269 10.83 21.28 -20.68
CA GLY A 269 10.05 21.57 -19.49
C GLY A 269 10.85 21.92 -18.25
N HIS A 270 10.34 22.90 -17.45
CA HIS A 270 10.99 23.39 -16.22
C HIS A 270 10.03 23.46 -15.05
N PHE A 271 10.35 22.75 -13.94
CA PHE A 271 9.52 22.77 -12.74
C PHE A 271 9.68 24.11 -12.02
N VAL A 272 8.66 24.47 -11.21
CA VAL A 272 8.63 25.68 -10.37
C VAL A 272 9.10 25.25 -8.99
N ASP A 273 10.12 25.92 -8.41
CA ASP A 273 10.61 25.55 -7.07
C ASP A 273 9.52 25.67 -5.99
N VAL A 274 9.24 24.58 -5.25
CA VAL A 274 8.23 24.56 -4.19
C VAL A 274 8.72 25.29 -2.94
N PHE A 275 10.03 25.42 -2.78
CA PHE A 275 10.63 26.10 -1.66
C PHE A 275 10.78 27.59 -2.01
N THR A 276 10.36 28.50 -1.09
CA THR A 276 10.46 29.98 -1.21
C THR A 276 10.59 30.67 0.18
N THR A 277 11.05 31.94 0.19
CA THR A 277 11.39 32.68 1.40
C THR A 277 10.32 33.62 1.98
N LEU A 278 9.96 33.38 3.24
CA LEU A 278 8.97 34.15 4.00
C LEU A 278 9.43 35.59 4.31
N PRO A 279 8.55 36.47 4.82
CA PRO A 279 8.96 37.84 5.13
C PRO A 279 10.15 37.97 6.07
N ASP A 280 10.20 37.15 7.14
CA ASP A 280 11.31 37.14 8.10
C ASP A 280 12.64 36.75 7.46
N GLY A 281 12.56 35.87 6.44
CA GLY A 281 13.71 35.32 5.71
C GLY A 281 13.82 33.82 5.77
N ARG A 282 12.90 33.15 6.51
CA ARG A 282 12.91 31.69 6.65
C ARG A 282 12.36 31.00 5.40
N ARG A 283 12.96 29.88 4.99
CA ARG A 283 12.51 29.12 3.84
C ARG A 283 11.27 28.28 4.24
N ALA A 284 10.27 28.21 3.35
CA ALA A 284 9.03 27.47 3.58
C ALA A 284 8.59 26.80 2.30
N LEU A 285 7.86 25.66 2.38
CA LEU A 285 7.42 24.91 1.19
C LEU A 285 5.92 25.07 0.82
N ASP A 286 5.63 25.38 -0.46
CA ASP A 286 4.28 25.57 -1.03
C ASP A 286 3.99 24.41 -1.98
N LEU A 287 3.27 23.40 -1.48
CA LEU A 287 2.96 22.22 -2.29
C LEU A 287 1.87 22.47 -3.35
N GLY A 288 1.33 23.68 -3.40
CA GLY A 288 0.41 24.07 -4.45
C GLY A 288 1.19 24.05 -5.74
N LYS A 289 2.43 24.61 -5.67
CA LYS A 289 3.40 24.71 -6.75
C LYS A 289 4.12 23.39 -7.13
N PHE A 290 3.62 22.21 -6.64
CA PHE A 290 4.26 20.92 -6.93
C PHE A 290 4.06 20.50 -8.37
N HIS A 291 2.80 20.47 -8.82
CA HIS A 291 2.49 20.16 -10.19
C HIS A 291 2.41 21.51 -10.85
N GLU A 292 3.58 22.02 -11.23
CA GLU A 292 3.77 23.29 -11.89
C GLU A 292 5.03 23.27 -12.73
N ILE A 293 4.85 23.39 -14.05
CA ILE A 293 5.93 23.42 -15.03
C ILE A 293 5.62 24.49 -16.07
#